data_1A7J
#
_entry.id   1A7J
#
_cell.length_a   129.830
_cell.length_b   129.830
_cell.length_c   129.830
_cell.angle_alpha   90.00
_cell.angle_beta   90.00
_cell.angle_gamma   90.00
#
_symmetry.space_group_name_H-M   'P 4 3 2'
#
loop_
_entity.id
_entity.type
_entity.pdbx_description
1 polymer PHOSPHORIBULOKINASE
2 non-polymer 'SULFATE ION'
3 water water
#
_entity_poly.entity_id   1
_entity_poly.type   'polypeptide(L)'
_entity_poly.pdbx_seq_one_letter_code
;MSKKHPIISVTGSSGAGTSTVKHTFDQIFRREGVKAVSIEGDAFHRFNRADMKAELDRRYAAGDATFSHFSYEANELKEL
ERVFREYGETGQGRTRTYVHDDAEAARTGVAPGNFTDWRDFDSDSHLLFYEGLHGAVVNSEVNIAGLADLKIGVVPVINL
EWIQKIHRDRATRGYTTEAVTDVILRRMHAYVHCIVPQFSQTDINFQRVPVVDTSNPFIARWIPTADESVVVIRFRNPRG
IDFPYLTSMIHGSWMSRANSIVVPGNKLDLAMQLILTPLIDRVVRESKVA
;
_entity_poly.pdbx_strand_id   A
#
loop_
_chem_comp.id
_chem_comp.type
_chem_comp.name
_chem_comp.formula
SO4 non-polymer 'SULFATE ION' 'O4 S -2'
#
# COMPACT_ATOMS: atom_id res chain seq x y z
N SER A 2 -10.74 -2.07 -15.24
CA SER A 2 -9.88 -2.12 -16.44
C SER A 2 -10.14 -0.94 -17.36
N LYS A 3 -9.98 -1.18 -18.67
CA LYS A 3 -10.11 -0.15 -19.68
C LYS A 3 -11.38 0.65 -19.48
N LYS A 4 -12.45 -0.06 -19.11
CA LYS A 4 -13.77 0.54 -18.94
C LYS A 4 -14.25 0.58 -17.48
N HIS A 5 -13.38 0.16 -16.56
CA HIS A 5 -13.66 0.23 -15.15
C HIS A 5 -12.33 0.26 -14.42
N PRO A 6 -11.49 1.28 -14.66
CA PRO A 6 -10.12 1.21 -14.15
C PRO A 6 -9.99 0.99 -12.64
N ILE A 7 -9.07 0.10 -12.27
CA ILE A 7 -8.68 -0.09 -10.89
C ILE A 7 -7.28 0.47 -10.70
N ILE A 8 -7.13 1.40 -9.74
CA ILE A 8 -5.84 1.95 -9.28
C ILE A 8 -5.41 1.25 -8.00
N SER A 9 -4.13 0.90 -7.91
CA SER A 9 -3.65 0.00 -6.86
C SER A 9 -2.32 0.48 -6.27
N VAL A 10 -2.39 0.96 -5.02
CA VAL A 10 -1.24 1.39 -4.22
C VAL A 10 -0.79 0.27 -3.28
N THR A 11 0.44 -0.19 -3.42
CA THR A 11 0.90 -1.28 -2.56
C THR A 11 2.15 -0.88 -1.79
N GLY A 12 2.30 -1.44 -0.59
CA GLY A 12 3.45 -1.16 0.24
C GLY A 12 3.18 -0.37 1.52
N SER A 13 2.28 0.60 1.47
CA SER A 13 2.03 1.48 2.61
C SER A 13 0.75 1.09 3.33
N SER A 14 0.86 0.81 4.63
CA SER A 14 -0.27 0.85 5.58
C SER A 14 0.28 0.70 6.98
N THR A 18 2.51 4.33 7.20
CA THR A 18 1.49 5.36 7.45
C THR A 18 0.35 5.33 6.40
N SER A 19 -0.11 6.48 5.90
CA SER A 19 -1.31 6.53 5.03
C SER A 19 -1.70 7.96 4.65
N THR A 20 -0.72 8.86 4.57
CA THR A 20 -0.91 10.21 4.04
C THR A 20 -1.64 10.13 2.71
N VAL A 21 -1.59 8.94 2.12
CA VAL A 21 -1.74 8.75 0.71
C VAL A 21 -3.17 8.85 0.25
N LYS A 22 -4.11 8.40 1.08
CA LYS A 22 -5.52 8.38 0.70
C LYS A 22 -6.04 9.80 0.45
N HIS A 23 -5.72 10.71 1.37
CA HIS A 23 -6.16 12.11 1.31
C HIS A 23 -5.78 12.72 -0.03
N THR A 24 -4.63 12.33 -0.54
CA THR A 24 -4.13 12.80 -1.81
C THR A 24 -5.00 12.34 -2.98
N PHE A 25 -5.29 11.05 -3.04
CA PHE A 25 -6.17 10.57 -4.11
C PHE A 25 -7.57 11.17 -3.99
N ASP A 26 -8.08 11.22 -2.76
CA ASP A 26 -9.35 11.89 -2.50
C ASP A 26 -9.35 13.28 -3.13
N GLN A 27 -8.31 14.06 -2.80
CA GLN A 27 -8.09 15.42 -3.33
C GLN A 27 -8.14 15.47 -4.85
N ILE A 28 -7.76 14.37 -5.51
CA ILE A 28 -7.73 14.34 -6.95
C ILE A 28 -9.06 13.88 -7.54
N PHE A 29 -9.66 12.83 -6.97
CA PHE A 29 -10.97 12.38 -7.41
C PHE A 29 -12.02 13.46 -7.18
N ARG A 30 -11.80 14.29 -6.17
CA ARG A 30 -12.70 15.40 -5.89
C ARG A 30 -12.43 16.54 -6.87
N ARG A 31 -11.14 16.78 -7.09
CA ARG A 31 -10.65 17.79 -8.04
C ARG A 31 -11.12 17.45 -9.45
N GLU A 32 -11.30 16.18 -9.76
CA GLU A 32 -11.58 15.77 -11.14
C GLU A 32 -12.96 15.15 -11.35
N GLY A 33 -13.76 15.04 -10.29
CA GLY A 33 -15.12 14.52 -10.43
C GLY A 33 -15.21 13.00 -10.51
N VAL A 34 -14.09 12.33 -10.23
CA VAL A 34 -14.01 10.88 -10.24
C VAL A 34 -14.75 10.28 -9.04
N LYS A 35 -15.94 9.74 -9.30
CA LYS A 35 -16.67 8.98 -8.27
C LYS A 35 -15.96 7.64 -8.04
N ALA A 36 -15.50 7.42 -6.80
CA ALA A 36 -14.59 6.32 -6.50
C ALA A 36 -15.03 5.42 -5.36
N VAL A 37 -15.06 4.12 -5.61
CA VAL A 37 -15.16 3.14 -4.54
C VAL A 37 -13.76 2.72 -4.10
N SER A 38 -13.63 2.23 -2.87
CA SER A 38 -12.32 1.91 -2.38
C SER A 38 -12.29 0.66 -1.52
N ILE A 39 -11.11 0.07 -1.43
CA ILE A 39 -10.82 -1.10 -0.61
C ILE A 39 -9.63 -0.75 0.29
N GLU A 40 -9.86 -0.83 1.60
CA GLU A 40 -8.81 -0.85 2.60
C GLU A 40 -8.19 -2.25 2.69
N GLY A 41 -6.87 -2.33 2.52
CA GLY A 41 -6.21 -3.62 2.42
C GLY A 41 -6.38 -4.49 3.64
N ASP A 42 -6.71 -3.89 4.78
CA ASP A 42 -6.92 -4.68 5.99
C ASP A 42 -8.11 -5.59 5.84
N ALA A 43 -9.09 -5.13 5.07
CA ALA A 43 -10.32 -5.86 4.89
C ALA A 43 -10.16 -7.27 4.35
N PHE A 44 -8.96 -7.62 3.87
CA PHE A 44 -8.76 -8.97 3.31
C PHE A 44 -7.69 -9.78 4.00
N HIS A 45 -7.51 -9.53 5.30
CA HIS A 45 -6.78 -10.44 6.16
C HIS A 45 -7.66 -11.63 6.40
N ARG A 46 -7.08 -12.83 6.37
CA ARG A 46 -7.83 -14.05 6.63
C ARG A 46 -8.40 -14.09 8.05
N PHE A 47 -7.63 -13.57 9.02
CA PHE A 47 -7.99 -13.76 10.43
C PHE A 47 -8.22 -12.47 11.15
N ASN A 48 -9.25 -12.46 11.99
CA ASN A 48 -9.43 -11.47 13.04
C ASN A 48 -8.32 -11.66 14.07
N ARG A 49 -8.20 -10.72 14.99
CA ARG A 49 -7.09 -10.70 15.94
C ARG A 49 -6.89 -12.03 16.67
N ALA A 50 -7.95 -12.57 17.29
CA ALA A 50 -7.80 -13.77 18.10
C ALA A 50 -7.32 -14.93 17.27
N ASP A 51 -7.97 -15.11 16.11
CA ASP A 51 -7.66 -16.20 15.21
C ASP A 51 -6.21 -16.21 14.77
N MET A 52 -5.68 -15.01 14.55
CA MET A 52 -4.32 -14.88 14.05
C MET A 52 -3.35 -15.07 15.19
N LYS A 53 -3.65 -14.46 16.33
CA LYS A 53 -2.79 -14.52 17.50
C LYS A 53 -2.69 -15.99 17.87
N ALA A 54 -3.76 -16.71 17.55
CA ALA A 54 -3.84 -18.13 17.80
C ALA A 54 -3.12 -18.88 16.70
N GLU A 55 -3.29 -18.42 15.45
CA GLU A 55 -2.65 -19.06 14.32
C GLU A 55 -1.14 -19.02 14.46
N LEU A 56 -0.64 -18.05 15.23
CA LEU A 56 0.79 -17.86 15.42
C LEU A 56 1.40 -18.70 16.52
N ASP A 57 0.58 -19.14 17.48
CA ASP A 57 1.08 -20.01 18.55
C ASP A 57 1.09 -21.49 18.17
N ARG A 58 0.22 -21.87 17.21
CA ARG A 58 0.24 -23.21 16.59
C ARG A 58 1.51 -23.36 15.79
N ARG A 59 1.75 -22.35 14.96
CA ARG A 59 2.97 -22.28 14.17
C ARG A 59 4.19 -22.36 15.06
N TYR A 60 4.30 -21.44 16.02
CA TYR A 60 5.49 -21.41 16.87
C TYR A 60 5.64 -22.64 17.76
N ALA A 61 4.61 -23.49 17.81
CA ALA A 61 4.73 -24.79 18.49
C ALA A 61 5.27 -25.84 17.52
N ALA A 62 4.94 -25.66 16.25
CA ALA A 62 5.41 -26.55 15.18
C ALA A 62 6.87 -26.29 14.79
N GLY A 63 7.34 -25.06 14.98
CA GLY A 63 8.72 -24.70 14.66
C GLY A 63 8.81 -23.60 13.60
N ASP A 64 7.81 -22.71 13.62
CA ASP A 64 7.45 -21.95 12.45
C ASP A 64 7.49 -20.45 12.71
N ALA A 65 8.69 -19.89 12.71
CA ALA A 65 8.83 -18.46 12.92
C ALA A 65 8.85 -17.72 11.59
N THR A 66 7.84 -17.99 10.75
CA THR A 66 7.76 -17.36 9.43
C THR A 66 6.37 -16.85 9.04
N PHE A 67 5.37 -17.09 9.89
CA PHE A 67 4.04 -16.59 9.59
C PHE A 67 3.83 -15.14 10.09
N SER A 68 3.26 -14.30 9.22
CA SER A 68 2.91 -12.93 9.59
C SER A 68 1.90 -12.38 8.61
N HIS A 69 1.47 -11.15 8.88
CA HIS A 69 0.50 -10.42 8.05
C HIS A 69 0.96 -10.15 6.62
N PHE A 70 2.22 -10.42 6.35
CA PHE A 70 2.81 -10.26 5.04
C PHE A 70 2.61 -11.53 4.20
N SER A 71 2.61 -12.70 4.83
CA SER A 71 2.47 -13.95 4.08
C SER A 71 1.14 -13.94 3.33
N TYR A 72 1.09 -14.62 2.19
CA TYR A 72 -0.15 -14.81 1.42
C TYR A 72 -1.22 -15.62 2.18
N GLU A 73 -0.76 -16.55 3.02
CA GLU A 73 -1.67 -17.45 3.72
C GLU A 73 -2.50 -16.67 4.72
N ALA A 74 -2.01 -15.52 5.12
CA ALA A 74 -2.72 -14.73 6.11
C ALA A 74 -3.66 -13.73 5.44
N ASN A 75 -3.99 -13.96 4.17
CA ASN A 75 -4.82 -13.01 3.45
C ASN A 75 -5.82 -13.62 2.47
N GLU A 76 -7.01 -13.06 2.44
CA GLU A 76 -8.02 -13.53 1.52
C GLU A 76 -7.62 -13.14 0.10
N LEU A 77 -6.54 -13.71 -0.38
CA LEU A 77 -5.95 -13.15 -1.58
C LEU A 77 -6.78 -13.33 -2.83
N LYS A 78 -7.31 -14.53 -3.05
CA LYS A 78 -8.05 -14.81 -4.29
C LYS A 78 -9.45 -14.20 -4.30
N GLU A 79 -9.99 -13.93 -3.12
CA GLU A 79 -11.19 -13.11 -3.00
C GLU A 79 -10.86 -11.71 -3.48
N LEU A 80 -9.69 -11.19 -3.09
CA LEU A 80 -9.23 -9.89 -3.54
C LEU A 80 -9.05 -9.89 -5.03
N GLU A 81 -8.52 -10.98 -5.57
CA GLU A 81 -8.44 -11.13 -7.01
C GLU A 81 -9.83 -11.22 -7.62
N ARG A 82 -10.74 -11.96 -7.00
CA ARG A 82 -12.06 -12.13 -7.59
C ARG A 82 -12.71 -10.79 -7.72
N VAL A 83 -12.55 -9.95 -6.69
CA VAL A 83 -13.18 -8.64 -6.68
C VAL A 83 -12.57 -7.67 -7.70
N PHE A 84 -11.26 -7.73 -7.87
CA PHE A 84 -10.60 -6.95 -8.89
C PHE A 84 -11.06 -7.40 -10.27
N ARG A 85 -11.18 -8.72 -10.44
CA ARG A 85 -11.82 -9.34 -11.62
C ARG A 85 -13.22 -8.80 -11.89
N GLU A 86 -14.02 -8.70 -10.83
CA GLU A 86 -15.43 -8.31 -10.93
C GLU A 86 -15.61 -6.84 -11.21
N TYR A 87 -14.80 -5.98 -10.58
CA TYR A 87 -14.87 -4.57 -10.88
C TYR A 87 -14.60 -4.31 -12.35
N GLY A 88 -13.52 -4.88 -12.86
CA GLY A 88 -13.16 -4.69 -14.24
C GLY A 88 -14.31 -4.84 -15.23
N GLU A 89 -15.08 -5.90 -15.06
CA GLU A 89 -16.01 -6.33 -16.08
C GLU A 89 -17.42 -5.75 -15.94
N THR A 90 -17.84 -5.51 -14.69
CA THR A 90 -19.24 -5.22 -14.38
C THR A 90 -19.38 -4.02 -13.43
N GLY A 91 -18.32 -3.80 -12.65
CA GLY A 91 -18.30 -2.69 -11.71
C GLY A 91 -18.98 -3.01 -10.40
N GLN A 92 -19.17 -4.29 -10.11
CA GLN A 92 -19.59 -4.68 -8.76
C GLN A 92 -18.51 -5.46 -8.01
N GLY A 93 -18.69 -5.52 -6.70
CA GLY A 93 -17.94 -6.42 -5.85
C GLY A 93 -18.22 -6.15 -4.39
N ARG A 94 -17.37 -6.68 -3.51
CA ARG A 94 -17.60 -6.55 -2.09
C ARG A 94 -16.39 -5.93 -1.42
N THR A 95 -16.57 -5.47 -0.18
CA THR A 95 -15.46 -5.10 0.70
C THR A 95 -15.85 -5.18 2.17
N ARG A 96 -14.86 -5.40 3.02
CA ARG A 96 -15.02 -5.28 4.45
C ARG A 96 -14.45 -3.95 4.92
N THR A 97 -14.60 -3.70 6.22
CA THR A 97 -13.71 -2.80 6.92
C THR A 97 -13.20 -3.53 8.14
N TYR A 98 -12.03 -3.12 8.57
CA TYR A 98 -11.44 -3.68 9.75
C TYR A 98 -10.69 -2.53 10.44
N VAL A 99 -9.36 -2.50 10.30
CA VAL A 99 -8.43 -1.67 11.11
C VAL A 99 -9.01 -0.69 12.17
N ALA A 106 -15.97 1.39 14.54
CA ALA A 106 -16.41 1.15 13.16
C ALA A 106 -17.86 0.65 13.09
N ARG A 107 -18.70 1.27 13.91
CA ARG A 107 -20.09 0.92 14.14
C ARG A 107 -20.73 -0.12 13.22
N THR A 108 -20.90 -1.34 13.75
CA THR A 108 -21.92 -2.31 13.30
C THR A 108 -22.40 -3.08 14.54
N GLY A 109 -22.01 -2.58 15.70
CA GLY A 109 -21.74 -3.45 16.83
C GLY A 109 -20.22 -3.52 17.01
N VAL A 110 -19.51 -3.56 15.88
CA VAL A 110 -18.05 -3.36 15.80
C VAL A 110 -17.19 -4.47 16.39
N ALA A 111 -16.70 -4.20 17.60
CA ALA A 111 -15.50 -4.79 18.20
C ALA A 111 -14.21 -4.42 17.45
N PRO A 112 -13.37 -3.56 18.06
CA PRO A 112 -11.92 -3.66 17.87
C PRO A 112 -11.47 -5.11 17.78
N GLY A 113 -10.98 -5.49 16.59
CA GLY A 113 -10.38 -6.79 16.41
C GLY A 113 -11.19 -7.80 15.60
N ASN A 114 -12.22 -7.31 14.92
CA ASN A 114 -13.18 -8.18 14.24
C ASN A 114 -13.47 -7.56 12.89
N PHE A 115 -13.79 -8.41 11.93
CA PHE A 115 -14.16 -7.91 10.62
C PHE A 115 -15.64 -7.48 10.62
N THR A 116 -15.92 -6.25 10.21
CA THR A 116 -17.30 -5.88 9.91
C THR A 116 -17.79 -6.81 8.81
N ASP A 117 -19.01 -6.59 8.34
CA ASP A 117 -19.61 -7.44 7.31
C ASP A 117 -19.52 -6.89 5.88
N TRP A 118 -19.48 -7.80 4.89
CA TRP A 118 -19.24 -7.47 3.47
C TRP A 118 -20.36 -6.59 2.86
N ARG A 119 -19.95 -5.64 2.03
CA ARG A 119 -20.88 -4.74 1.36
C ARG A 119 -20.88 -5.04 -0.11
N ASP A 120 -22.02 -4.83 -0.77
CA ASP A 120 -22.01 -4.76 -2.21
C ASP A 120 -21.34 -3.46 -2.61
N PHE A 121 -20.70 -3.46 -3.78
CA PHE A 121 -20.04 -2.27 -4.24
C PHE A 121 -21.07 -1.29 -4.77
N ASP A 122 -20.93 -0.04 -4.35
CA ASP A 122 -21.74 1.06 -4.86
C ASP A 122 -21.81 1.07 -6.38
N SER A 123 -22.64 1.96 -6.93
CA SER A 123 -22.93 1.93 -8.35
C SER A 123 -22.60 3.26 -9.02
N ASP A 124 -22.25 3.19 -10.30
CA ASP A 124 -21.86 4.36 -11.13
C ASP A 124 -20.42 4.84 -10.88
N SER A 125 -19.58 3.96 -10.35
CA SER A 125 -18.19 4.25 -10.05
C SER A 125 -17.31 4.38 -11.30
N HIS A 126 -16.43 5.38 -11.27
CA HIS A 126 -15.49 5.65 -12.35
C HIS A 126 -14.26 4.74 -12.23
N LEU A 127 -13.86 4.45 -10.99
CA LEU A 127 -12.76 3.54 -10.72
C LEU A 127 -12.82 2.96 -9.33
N LEU A 128 -12.16 1.82 -9.14
CA LEU A 128 -11.93 1.28 -7.81
C LEU A 128 -10.55 1.74 -7.37
N PHE A 129 -10.38 1.91 -6.07
CA PHE A 129 -9.11 2.29 -5.48
C PHE A 129 -8.77 1.32 -4.38
N TYR A 130 -7.56 0.77 -4.41
CA TYR A 130 -7.09 -0.13 -3.37
C TYR A 130 -5.84 0.47 -2.71
N GLU A 131 -5.77 0.41 -1.38
CA GLU A 131 -4.53 0.71 -0.64
C GLU A 131 -4.17 -0.45 0.33
N GLY A 132 -3.01 -1.08 0.13
CA GLY A 132 -2.51 -2.01 1.14
C GLY A 132 -1.19 -2.63 0.79
N LEU A 133 -0.85 -3.74 1.43
CA LEU A 133 0.39 -4.47 1.13
C LEU A 133 0.35 -5.51 0.01
N HIS A 134 -0.81 -5.72 -0.60
CA HIS A 134 -0.93 -6.75 -1.65
C HIS A 134 -1.72 -6.34 -2.91
N GLY A 135 -1.51 -5.10 -3.36
CA GLY A 135 -2.10 -4.61 -4.59
C GLY A 135 -1.39 -4.88 -5.91
N ALA A 136 -0.32 -5.67 -5.84
CA ALA A 136 0.38 -6.07 -7.05
C ALA A 136 0.95 -7.48 -6.86
N VAL A 137 0.32 -8.26 -6.00
CA VAL A 137 0.77 -9.63 -5.83
C VAL A 137 0.71 -10.39 -7.14
N VAL A 138 1.83 -10.97 -7.52
CA VAL A 138 1.79 -12.05 -8.49
C VAL A 138 2.43 -13.26 -7.88
N ASN A 139 1.66 -14.33 -7.81
CA ASN A 139 2.15 -15.56 -7.28
C ASN A 139 1.48 -16.76 -7.94
N SER A 140 1.80 -17.95 -7.48
CA SER A 140 1.56 -19.15 -8.26
C SER A 140 0.05 -19.45 -8.37
N GLU A 141 -0.74 -18.90 -7.46
CA GLU A 141 -2.18 -19.11 -7.47
C GLU A 141 -2.97 -17.91 -8.00
N VAL A 142 -2.48 -16.71 -7.72
CA VAL A 142 -3.24 -15.49 -7.93
C VAL A 142 -2.39 -14.47 -8.68
N ASN A 143 -3.00 -13.76 -9.61
CA ASN A 143 -2.30 -12.66 -10.29
C ASN A 143 -3.07 -11.39 -10.11
N ILE A 144 -2.69 -10.62 -9.10
CA ILE A 144 -3.36 -9.39 -8.74
C ILE A 144 -2.74 -8.15 -9.42
N ALA A 145 -1.46 -8.21 -9.79
CA ALA A 145 -0.88 -7.11 -10.54
C ALA A 145 -1.57 -6.93 -11.91
N GLY A 146 -1.88 -8.07 -12.52
CA GLY A 146 -2.39 -8.09 -13.89
C GLY A 146 -3.74 -7.49 -14.10
N LEU A 147 -4.46 -7.15 -13.04
CA LEU A 147 -5.83 -6.68 -13.20
C LEU A 147 -6.00 -5.20 -12.94
N ALA A 148 -4.90 -4.50 -12.70
CA ALA A 148 -4.94 -3.09 -12.28
C ALA A 148 -4.23 -2.22 -13.31
N ASP A 149 -4.88 -1.15 -13.76
CA ASP A 149 -4.34 -0.36 -14.87
C ASP A 149 -3.29 0.62 -14.41
N LEU A 150 -3.23 0.86 -13.11
CA LEU A 150 -2.19 1.69 -12.55
C LEU A 150 -1.79 1.08 -11.22
N LYS A 151 -0.52 0.76 -11.11
CA LYS A 151 0.00 0.19 -9.90
C LYS A 151 1.10 1.11 -9.35
N ILE A 152 0.84 1.65 -8.18
CA ILE A 152 1.77 2.55 -7.50
C ILE A 152 2.35 1.85 -6.29
N GLY A 153 3.60 2.12 -6.00
CA GLY A 153 4.19 1.52 -4.82
C GLY A 153 4.59 2.65 -3.90
N VAL A 154 4.16 2.59 -2.66
CA VAL A 154 4.65 3.55 -1.70
C VAL A 154 5.33 2.78 -0.60
N VAL A 155 6.65 2.84 -0.55
CA VAL A 155 7.47 1.95 0.23
C VAL A 155 8.52 2.76 1.00
N PRO A 156 8.79 2.43 2.29
CA PRO A 156 9.98 2.97 2.97
C PRO A 156 11.20 2.09 2.89
N VAL A 157 12.40 2.65 3.10
CA VAL A 157 13.59 1.81 3.15
C VAL A 157 13.48 0.95 4.37
N ILE A 158 13.95 -0.30 4.27
CA ILE A 158 13.67 -1.31 5.28
C ILE A 158 13.92 -0.80 6.69
N ASN A 159 15.06 -0.16 6.89
CA ASN A 159 15.36 0.53 8.15
C ASN A 159 14.19 1.30 8.68
N LEU A 160 13.52 2.08 7.84
CA LEU A 160 12.39 2.90 8.29
C LEU A 160 11.06 2.13 8.49
N GLU A 161 10.90 0.97 7.84
CA GLU A 161 9.72 0.15 8.07
C GLU A 161 9.77 -0.40 9.48
N TRP A 162 10.94 -0.89 9.90
CA TRP A 162 11.11 -1.39 11.25
C TRP A 162 10.83 -0.33 12.31
N ILE A 163 11.41 0.85 12.18
CA ILE A 163 11.13 1.94 13.11
C ILE A 163 9.65 2.19 13.11
N GLN A 164 9.06 2.25 11.92
CA GLN A 164 7.63 2.49 11.83
C GLN A 164 6.86 1.40 12.55
N LYS A 165 7.40 0.19 12.56
CA LYS A 165 6.71 -0.95 13.11
C LYS A 165 6.93 -1.06 14.60
N ILE A 166 8.18 -0.85 15.03
CA ILE A 166 8.58 -0.96 16.44
C ILE A 166 7.81 0.07 17.21
N HIS A 167 7.47 1.18 16.55
CA HIS A 167 6.64 2.17 17.19
C HIS A 167 5.17 1.80 17.33
N ARG A 168 4.60 1.06 16.37
CA ARG A 168 3.22 0.58 16.50
C ARG A 168 3.14 -0.48 17.60
N ASP A 169 4.27 -1.14 17.87
CA ASP A 169 4.29 -2.28 18.79
C ASP A 169 4.81 -1.91 20.17
N ARG A 170 5.16 -0.65 20.35
CA ARG A 170 5.46 -0.19 21.69
C ARG A 170 4.32 0.66 22.21
N ALA A 171 3.20 0.59 21.49
CA ALA A 171 2.00 1.36 21.80
C ALA A 171 0.77 0.45 21.92
N THR A 172 1.03 -0.84 22.16
CA THR A 172 -0.02 -1.86 22.26
C THR A 172 0.65 -3.21 22.50
N ARG A 173 0.90 -3.50 23.75
CA ARG A 173 1.68 -4.67 24.10
C ARG A 173 0.87 -5.95 24.04
N GLY A 174 0.34 -6.34 25.21
CA GLY A 174 -0.10 -7.70 25.47
C GLY A 174 0.98 -8.53 26.18
N TYR A 175 0.60 -9.66 26.78
CA TYR A 175 1.58 -10.67 27.23
C TYR A 175 2.06 -11.50 26.03
N THR A 176 2.85 -10.87 25.18
CA THR A 176 3.22 -11.42 23.87
C THR A 176 4.37 -12.40 24.03
N THR A 177 5.35 -12.02 24.85
CA THR A 177 6.55 -12.80 25.12
C THR A 177 7.55 -12.82 23.93
N GLU A 178 7.12 -12.34 22.76
CA GLU A 178 8.06 -12.13 21.65
C GLU A 178 8.56 -10.69 21.59
N ALA A 179 9.88 -10.58 21.51
CA ALA A 179 10.57 -9.30 21.59
C ALA A 179 10.64 -8.70 20.20
N VAL A 180 10.91 -7.40 20.13
CA VAL A 180 10.84 -6.68 18.86
C VAL A 180 11.81 -7.27 17.84
N THR A 181 12.89 -7.85 18.32
CA THR A 181 13.86 -8.47 17.44
C THR A 181 13.25 -9.69 16.77
N ASP A 182 12.45 -10.43 17.53
CA ASP A 182 11.85 -11.67 17.05
C ASP A 182 10.62 -11.39 16.21
N VAL A 183 9.96 -10.27 16.48
CA VAL A 183 8.80 -9.83 15.69
C VAL A 183 9.28 -9.26 14.38
N ILE A 184 10.47 -8.67 14.39
CA ILE A 184 11.00 -8.01 13.22
C ILE A 184 11.62 -9.04 12.26
N LEU A 185 12.36 -9.99 12.81
CA LEU A 185 12.90 -11.13 12.03
C LEU A 185 11.85 -12.12 11.49
N ARG A 186 10.85 -12.46 12.32
CA ARG A 186 9.76 -13.32 11.89
C ARG A 186 9.03 -12.72 10.67
N ARG A 187 9.11 -11.40 10.50
CA ARG A 187 8.44 -10.72 9.38
C ARG A 187 9.30 -10.66 8.14
N MET A 188 10.60 -10.89 8.28
CA MET A 188 11.50 -10.79 7.15
C MET A 188 11.25 -11.87 6.10
N HIS A 189 10.66 -12.97 6.57
CA HIS A 189 10.59 -14.17 5.78
C HIS A 189 9.57 -13.92 4.72
N ALA A 190 8.39 -13.47 5.12
CA ALA A 190 7.34 -13.11 4.18
C ALA A 190 7.52 -11.72 3.58
N TYR A 191 8.41 -10.93 4.15
CA TYR A 191 8.65 -9.61 3.62
C TYR A 191 9.44 -9.80 2.36
N VAL A 192 10.56 -10.51 2.45
CA VAL A 192 11.34 -10.73 1.25
C VAL A 192 10.65 -11.69 0.28
N HIS A 193 9.77 -12.56 0.78
CA HIS A 193 9.12 -13.54 -0.10
C HIS A 193 7.83 -13.04 -0.79
N CYS A 194 7.07 -12.15 -0.14
CA CYS A 194 5.77 -11.70 -0.64
C CYS A 194 5.67 -10.21 -0.92
N ILE A 195 6.40 -9.38 -0.17
CA ILE A 195 6.35 -7.94 -0.37
C ILE A 195 7.34 -7.41 -1.40
N VAL A 196 8.63 -7.60 -1.15
CA VAL A 196 9.64 -7.11 -2.06
C VAL A 196 9.33 -7.29 -3.57
N PRO A 197 8.88 -8.49 -4.01
CA PRO A 197 8.75 -8.74 -5.44
C PRO A 197 7.73 -7.83 -6.10
N GLN A 198 6.80 -7.33 -5.31
CA GLN A 198 5.69 -6.53 -5.83
C GLN A 198 6.15 -5.20 -6.40
N PHE A 199 7.31 -4.74 -5.96
CA PHE A 199 7.86 -3.45 -6.37
C PHE A 199 8.58 -3.56 -7.72
N SER A 200 8.39 -4.69 -8.41
CA SER A 200 8.79 -4.80 -9.80
C SER A 200 7.57 -4.96 -10.68
N GLN A 201 6.39 -5.04 -10.06
CA GLN A 201 5.14 -5.10 -10.80
C GLN A 201 4.53 -3.71 -11.00
N THR A 202 4.95 -2.75 -10.19
CA THR A 202 4.30 -1.45 -10.14
C THR A 202 4.73 -0.56 -11.31
N ASP A 203 3.95 0.46 -11.63
CA ASP A 203 4.28 1.40 -12.68
C ASP A 203 5.12 2.54 -12.13
N ILE A 204 4.81 3.02 -10.95
CA ILE A 204 5.57 4.13 -10.35
C ILE A 204 5.84 3.79 -8.90
N ASN A 205 7.09 3.84 -8.48
CA ASN A 205 7.38 3.68 -7.06
C ASN A 205 7.69 5.01 -6.44
N PHE A 206 7.16 5.25 -5.25
CA PHE A 206 7.59 6.33 -4.39
C PHE A 206 8.33 5.70 -3.19
N GLN A 207 9.63 5.92 -3.05
CA GLN A 207 10.37 5.28 -1.93
C GLN A 207 10.84 6.27 -0.89
N ARG A 208 10.39 6.09 0.35
CA ARG A 208 10.64 7.05 1.42
C ARG A 208 11.96 6.73 2.08
N VAL A 209 12.91 7.64 1.95
CA VAL A 209 14.28 7.40 2.40
C VAL A 209 14.68 8.43 3.45
N PRO A 210 15.01 8.01 4.70
CA PRO A 210 15.32 9.05 5.66
C PRO A 210 16.71 9.58 5.44
N VAL A 211 16.86 10.88 5.62
CA VAL A 211 18.16 11.46 5.51
C VAL A 211 18.61 11.80 6.93
N VAL A 212 18.13 10.99 7.88
CA VAL A 212 18.74 10.93 9.20
C VAL A 212 19.12 9.51 9.56
N ASP A 213 19.76 9.37 10.71
CA ASP A 213 20.47 8.13 11.03
C ASP A 213 19.50 7.05 11.44
N THR A 214 19.30 6.07 10.58
CA THR A 214 18.44 4.97 10.92
C THR A 214 19.19 3.64 11.04
N SER A 215 20.43 3.69 11.54
CA SER A 215 21.32 2.54 11.49
C SER A 215 21.07 1.51 12.56
N ASN A 216 20.43 1.92 13.65
CA ASN A 216 19.84 0.93 14.52
C ASN A 216 18.41 1.30 14.70
N PRO A 217 17.49 0.65 13.96
CA PRO A 217 16.04 0.91 14.04
C PRO A 217 15.39 0.61 15.40
N PHE A 218 16.11 -0.10 16.27
CA PHE A 218 15.50 -0.64 17.48
C PHE A 218 15.52 0.32 18.67
N ILE A 219 16.43 1.31 18.67
CA ILE A 219 16.42 2.36 19.69
C ILE A 219 16.02 3.70 19.11
N ALA A 220 15.18 3.68 18.08
CA ALA A 220 14.71 4.89 17.45
C ALA A 220 13.67 5.46 18.34
N ARG A 221 13.94 6.64 18.85
CA ARG A 221 13.08 7.23 19.82
C ARG A 221 11.85 7.80 19.16
N TRP A 222 11.94 8.13 17.88
CA TRP A 222 10.76 8.50 17.08
C TRP A 222 10.92 8.33 15.59
N ILE A 223 9.82 8.44 14.89
CA ILE A 223 9.85 8.18 13.47
C ILE A 223 10.34 9.44 12.79
N PRO A 224 11.38 9.31 11.95
CA PRO A 224 11.77 10.33 10.98
C PRO A 224 10.59 10.99 10.29
N THR A 225 10.41 12.29 10.52
CA THR A 225 9.30 13.06 9.96
C THR A 225 9.45 13.19 8.45
N ALA A 226 8.43 13.70 7.78
CA ALA A 226 8.59 13.99 6.35
C ALA A 226 9.80 14.85 6.08
N ASP A 227 10.05 15.83 6.93
CA ASP A 227 11.11 16.78 6.66
C ASP A 227 12.46 16.11 6.68
N GLU A 228 12.59 15.06 7.47
CA GLU A 228 13.86 14.38 7.65
C GLU A 228 14.04 13.24 6.69
N SER A 229 13.31 13.24 5.58
CA SER A 229 13.47 12.20 4.57
C SER A 229 13.37 12.76 3.16
N VAL A 230 13.85 12.01 2.15
CA VAL A 230 13.51 12.28 0.73
C VAL A 230 12.75 11.12 0.14
N VAL A 231 12.05 11.39 -0.95
CA VAL A 231 11.30 10.38 -1.67
C VAL A 231 11.84 10.28 -3.08
N VAL A 232 12.22 9.07 -3.44
CA VAL A 232 12.63 8.76 -4.80
C VAL A 232 11.38 8.35 -5.55
N ILE A 233 11.09 9.00 -6.67
CA ILE A 233 9.94 8.60 -7.48
C ILE A 233 10.46 8.06 -8.78
N ARG A 234 10.49 6.74 -8.90
CA ARG A 234 10.93 6.10 -10.13
C ARG A 234 9.79 5.63 -11.02
N PHE A 235 9.82 6.05 -12.28
CA PHE A 235 8.87 5.58 -13.30
C PHE A 235 9.39 4.37 -14.05
N ARG A 236 8.64 3.26 -13.99
CA ARG A 236 8.87 2.08 -14.83
C ARG A 236 9.22 2.48 -16.25
N ASN A 237 8.40 3.35 -16.84
CA ASN A 237 8.69 3.87 -18.17
C ASN A 237 8.44 5.36 -18.20
N PRO A 238 9.50 6.14 -18.42
CA PRO A 238 9.53 7.59 -18.34
C PRO A 238 9.26 8.28 -19.67
N ARG A 239 8.33 7.74 -20.45
CA ARG A 239 7.98 8.32 -21.73
C ARG A 239 6.70 9.13 -21.59
N GLY A 240 6.79 10.40 -22.01
CA GLY A 240 5.70 11.33 -21.82
C GLY A 240 5.91 12.21 -20.62
N ILE A 241 6.72 11.72 -19.68
CA ILE A 241 6.96 12.38 -18.40
C ILE A 241 7.87 13.56 -18.60
N ASP A 242 7.51 14.69 -18.07
CA ASP A 242 8.20 15.92 -18.34
C ASP A 242 8.94 16.33 -17.07
N PHE A 243 10.15 15.82 -16.91
CA PHE A 243 10.86 15.97 -15.66
C PHE A 243 11.28 17.40 -15.34
N PRO A 244 11.50 18.23 -16.37
CA PRO A 244 11.83 19.63 -16.09
C PRO A 244 10.64 20.35 -15.60
N TYR A 245 9.48 19.91 -16.05
CA TYR A 245 8.23 20.48 -15.61
C TYR A 245 8.25 20.23 -14.15
N LEU A 246 8.41 18.97 -13.83
CA LEU A 246 8.35 18.49 -12.47
C LEU A 246 9.38 19.12 -11.54
N THR A 247 10.65 19.10 -11.91
CA THR A 247 11.66 19.76 -11.11
C THR A 247 11.48 21.30 -11.00
N SER A 248 10.83 21.93 -11.97
CA SER A 248 10.49 23.34 -11.88
C SER A 248 9.42 23.52 -10.83
N MET A 249 8.45 22.63 -10.84
CA MET A 249 7.30 22.81 -10.01
C MET A 249 7.61 22.39 -8.58
N ILE A 250 8.13 21.19 -8.39
CA ILE A 250 8.51 20.77 -7.07
C ILE A 250 9.82 21.39 -6.68
N HIS A 251 9.75 22.32 -5.75
CA HIS A 251 10.93 23.03 -5.34
C HIS A 251 11.84 22.16 -4.51
N GLY A 252 13.08 22.04 -4.94
CA GLY A 252 14.06 21.32 -4.15
C GLY A 252 14.46 19.99 -4.77
N SER A 253 13.84 19.64 -5.89
CA SER A 253 14.01 18.34 -6.49
C SER A 253 15.14 18.34 -7.51
N TRP A 254 15.72 17.16 -7.72
CA TRP A 254 16.75 16.94 -8.71
C TRP A 254 16.60 15.52 -9.23
N MET A 255 17.37 15.18 -10.25
CA MET A 255 17.26 13.87 -10.89
C MET A 255 18.44 13.04 -10.45
N SER A 256 18.19 11.78 -10.11
CA SER A 256 19.29 10.90 -9.78
C SER A 256 19.63 9.93 -10.91
N ARG A 257 18.62 9.51 -11.67
CA ARG A 257 18.83 8.71 -12.90
C ARG A 257 17.95 9.35 -13.96
N ALA A 258 18.00 8.85 -15.19
CA ALA A 258 17.21 9.46 -16.25
C ALA A 258 15.73 9.21 -16.04
N ASN A 259 15.41 8.32 -15.10
CA ASN A 259 14.04 7.89 -14.90
C ASN A 259 13.57 7.96 -13.48
N SER A 260 14.26 8.70 -12.61
CA SER A 260 13.76 8.92 -11.25
C SER A 260 14.03 10.28 -10.67
N ILE A 261 13.04 10.87 -10.02
CA ILE A 261 13.20 12.20 -9.47
C ILE A 261 13.27 12.07 -7.95
N VAL A 262 14.23 12.74 -7.32
CA VAL A 262 14.25 12.82 -5.85
C VAL A 262 13.59 14.12 -5.37
N VAL A 263 12.74 14.00 -4.36
CA VAL A 263 11.85 15.08 -4.01
C VAL A 263 11.87 15.23 -2.49
N PRO A 264 12.14 16.42 -1.94
CA PRO A 264 12.02 16.55 -0.48
C PRO A 264 10.77 15.89 0.10
N GLY A 265 10.89 15.29 1.28
CA GLY A 265 9.85 14.43 1.84
C GLY A 265 8.59 15.17 2.28
N ASN A 266 8.76 16.45 2.54
CA ASN A 266 7.66 17.32 2.89
C ASN A 266 6.86 17.76 1.66
N LYS A 267 7.21 17.21 0.50
CA LYS A 267 6.57 17.56 -0.78
C LYS A 267 6.02 16.36 -1.54
N LEU A 268 5.84 15.23 -0.86
CA LEU A 268 5.17 14.10 -1.45
C LEU A 268 3.76 14.43 -1.97
N ASP A 269 2.91 14.96 -1.09
CA ASP A 269 1.55 15.31 -1.45
C ASP A 269 1.46 16.14 -2.75
N LEU A 270 2.39 17.07 -2.98
CA LEU A 270 2.37 17.87 -4.21
C LEU A 270 2.91 17.14 -5.46
N ALA A 271 3.92 16.29 -5.27
CA ALA A 271 4.45 15.44 -6.32
C ALA A 271 3.46 14.36 -6.76
N MET A 272 2.74 13.79 -5.81
CA MET A 272 1.62 12.94 -6.18
C MET A 272 0.52 13.67 -6.96
N GLN A 273 0.11 14.86 -6.53
CA GLN A 273 -0.85 15.61 -7.32
C GLN A 273 -0.34 15.93 -8.70
N LEU A 274 0.84 16.54 -8.80
CA LEU A 274 1.34 16.90 -10.10
C LEU A 274 1.51 15.69 -10.97
N ILE A 275 1.89 14.57 -10.38
CA ILE A 275 2.23 13.42 -11.20
C ILE A 275 0.99 12.64 -11.57
N LEU A 276 0.11 12.43 -10.59
CA LEU A 276 -0.97 11.47 -10.71
C LEU A 276 -2.25 12.07 -11.26
N THR A 277 -2.39 13.37 -11.13
CA THR A 277 -3.60 14.02 -11.58
C THR A 277 -3.96 13.68 -13.04
N PRO A 278 -2.98 13.78 -13.98
CA PRO A 278 -3.15 13.37 -15.39
C PRO A 278 -3.19 11.89 -15.79
N LEU A 279 -2.62 11.00 -14.98
CA LEU A 279 -2.78 9.61 -15.29
C LEU A 279 -4.21 9.18 -14.94
N ILE A 280 -4.74 9.70 -13.83
CA ILE A 280 -6.08 9.36 -13.38
C ILE A 280 -7.12 10.01 -14.27
N ASP A 281 -6.71 11.07 -14.95
CA ASP A 281 -7.58 11.67 -15.96
C ASP A 281 -7.54 10.85 -17.23
N ARG A 282 -6.34 10.59 -17.75
CA ARG A 282 -6.20 9.80 -18.97
C ARG A 282 -6.86 8.43 -18.82
N VAL A 283 -7.22 8.13 -17.58
CA VAL A 283 -7.77 6.84 -17.21
C VAL A 283 -9.30 6.99 -17.16
N VAL A 284 -9.77 8.10 -16.61
CA VAL A 284 -11.18 8.36 -16.43
C VAL A 284 -11.82 8.84 -17.74
N ARG A 285 -10.98 9.25 -18.68
CA ARG A 285 -11.41 9.71 -20.00
C ARG A 285 -11.40 8.63 -21.09
N GLU A 286 -10.71 7.50 -20.85
CA GLU A 286 -10.72 6.37 -21.78
C GLU A 286 -11.72 5.29 -21.37
N SER A 287 -12.36 5.47 -20.21
CA SER A 287 -13.43 4.60 -19.74
C SER A 287 -14.75 4.97 -20.41
N LYS A 288 -14.83 6.22 -20.87
CA LYS A 288 -16.06 6.81 -21.39
C LYS A 288 -15.89 7.13 -22.89
N VAL A 289 -15.15 6.27 -23.58
CA VAL A 289 -14.69 6.50 -24.97
C VAL A 289 -14.88 5.24 -25.83
S SO4 B . 2.38 -8.58 12.30
O1 SO4 B . 2.20 -9.97 11.99
O2 SO4 B . 2.59 -7.83 11.09
O3 SO4 B . 1.20 -8.10 12.97
O4 SO4 B . 3.49 -8.42 13.16
#